data_9FWK
#
_entry.id   9FWK
#
_cell.length_a   44.059
_cell.length_b   99.711
_cell.length_c   51.182
_cell.angle_alpha   90
_cell.angle_beta   114.73
_cell.angle_gamma   90
#
_symmetry.space_group_name_H-M   'P 1 21 1'
#
loop_
_entity.id
_entity.type
_entity.pdbx_description
1 polymer 'Non-structural protein 10'
2 polymer 'Guanine-N7 methyltransferase nsp14'
3 non-polymer 'ZINC ION'
4 non-polymer (4S)-4-pyridin-4-ylpyrrolidin-2-one
5 non-polymer 'DIMETHYL SULFOXIDE'
6 non-polymer (4R)-4-pyridin-4-ylpyrrolidin-2-one
7 water water
#
loop_
_entity_poly.entity_id
_entity_poly.type
_entity_poly.pdbx_seq_one_letter_code
_entity_poly.pdbx_strand_id
1 'polypeptide(L)'
;AGNATEVPANSTVLSFCAFAVDAAKAYKDYLASGGQPITNCVKMLCTHTGTGQAITVTPEANMDQESFGGASCCLYCRCH
IDHPNPKGFCDLKGKYVQIPTTCANDPVGFTLKNTVCTVCGMWKGYGCSCD
;
A
2 'polypeptide(L)'
;MAENVTGLFKDCSKVITGLHPTQAPTHLSVDTKFKTEGLCVDIPGIPKDMTYRRLISMMGFKMNYQVNGYPNMFITREEA
IRHVRAWIGFDVEGCHATREAVGTNLPLQLGFSTGVNLVAVPTGYVDTPNNTDFSRVSAKPPPGDQFKHLIPLMYKGLPW
NVVRIKIVQMLSDTLKNLSDRVVFVLWAHGFELTSMKYFVKIGPERTCCLCDRRATCFSTASDTYACWHHSIGFDYVYNP
FMIDVQQWGFTGNLQSNHDLYCQVHGNAHVASCDAIMTRCLAVHECFVKR
;
B
#
# COMPACT_ATOMS: atom_id res chain seq x y z
N ALA A 1 -16.80 11.27 1.65
CA ALA A 1 -16.88 10.66 2.98
C ALA A 1 -15.47 10.33 3.47
N GLY A 2 -15.24 10.44 4.77
CA GLY A 2 -13.93 10.15 5.33
C GLY A 2 -13.12 11.40 5.61
N ASN A 3 -11.96 11.23 6.26
CA ASN A 3 -11.10 12.35 6.60
C ASN A 3 -9.70 12.02 6.17
N ALA A 4 -9.10 12.92 5.40
CA ALA A 4 -7.75 12.70 4.92
C ALA A 4 -6.72 12.62 6.05
N THR A 5 -5.77 11.70 5.89
CA THR A 5 -4.64 11.66 6.81
C THR A 5 -3.36 12.18 6.15
N GLU A 6 -3.28 12.17 4.81
CA GLU A 6 -2.02 12.46 4.14
C GLU A 6 -2.01 13.65 3.19
N VAL A 7 -0.80 14.11 2.91
CA VAL A 7 -0.57 15.22 1.98
C VAL A 7 0.10 14.71 0.70
N PRO A 8 -0.06 15.41 -0.42
CA PRO A 8 0.50 14.92 -1.69
C PRO A 8 1.99 14.78 -1.72
N ALA A 9 2.73 15.56 -0.90
CA ALA A 9 4.19 15.45 -0.92
C ALA A 9 4.66 14.05 -0.46
N ASN A 10 3.80 13.30 0.27
CA ASN A 10 4.18 11.97 0.71
C ASN A 10 3.61 10.83 -0.16
N SER A 11 2.75 11.12 -1.16
CA SER A 11 2.16 10.03 -1.95
C SER A 11 3.15 9.07 -2.58
N THR A 12 4.20 9.57 -3.26
CA THR A 12 5.12 8.69 -3.94
C THR A 12 5.88 7.76 -2.98
N VAL A 13 6.49 8.36 -1.93
CA VAL A 13 7.29 7.56 -1.03
C VAL A 13 6.47 6.52 -0.28
N LEU A 14 5.23 6.92 0.14
CA LEU A 14 4.41 5.94 0.88
C LEU A 14 3.90 4.85 -0.03
N SER A 15 3.63 5.18 -1.32
CA SER A 15 3.20 4.13 -2.27
C SER A 15 4.33 3.13 -2.53
N PHE A 16 5.54 3.65 -2.73
CA PHE A 16 6.70 2.83 -2.99
C PHE A 16 6.97 1.88 -1.81
N CYS A 17 6.94 2.43 -0.58
CA CYS A 17 7.20 1.60 0.59
C CYS A 17 6.05 0.65 0.93
N ALA A 18 4.79 1.04 0.62
CA ALA A 18 3.61 0.18 0.87
C ALA A 18 3.64 -1.09 0.01
N PHE A 19 4.30 -1.05 -1.15
CA PHE A 19 4.38 -2.23 -2.00
C PHE A 19 5.69 -3.01 -1.86
N ALA A 20 6.70 -2.42 -1.20
CA ALA A 20 8.02 -3.10 -1.15
C ALA A 20 8.04 -4.38 -0.34
N VAL A 21 8.85 -5.38 -0.80
CA VAL A 21 9.10 -6.57 0.04
C VAL A 21 9.81 -6.08 1.33
N ASP A 22 10.80 -5.21 1.17
CA ASP A 22 11.57 -4.71 2.31
C ASP A 22 11.36 -3.19 2.38
N ALA A 23 10.39 -2.76 3.21
CA ALA A 23 10.03 -1.36 3.25
C ALA A 23 11.12 -0.48 3.78
N ALA A 24 11.86 -0.94 4.81
CA ALA A 24 12.92 -0.12 5.36
C ALA A 24 14.02 0.12 4.30
N LYS A 25 14.39 -0.92 3.53
CA LYS A 25 15.40 -0.78 2.48
C LYS A 25 14.89 0.15 1.38
N ALA A 26 13.58 0.04 1.05
CA ALA A 26 13.00 0.92 0.04
C ALA A 26 13.06 2.37 0.47
N TYR A 27 12.74 2.65 1.77
CA TYR A 27 12.79 4.04 2.23
C TYR A 27 14.26 4.59 2.13
N LYS A 28 15.22 3.78 2.59
CA LYS A 28 16.66 4.14 2.53
C LYS A 28 17.08 4.40 1.08
N ASP A 29 16.66 3.52 0.17
CA ASP A 29 17.01 3.68 -1.24
C ASP A 29 16.35 4.90 -1.87
N TYR A 30 15.08 5.20 -1.50
CA TYR A 30 14.35 6.32 -2.02
C TYR A 30 15.12 7.62 -1.64
N LEU A 31 15.60 7.69 -0.39
CA LEU A 31 16.35 8.86 0.06
C LEU A 31 17.66 8.95 -0.73
N ALA A 32 18.35 7.82 -0.91
CA ALA A 32 19.65 7.84 -1.62
C ALA A 32 19.51 8.23 -3.09
N SER A 33 18.34 8.00 -3.71
CA SER A 33 18.07 8.44 -5.09
C SER A 33 17.56 9.89 -5.17
N GLY A 34 17.59 10.60 -4.05
CA GLY A 34 17.23 12.01 -4.01
C GLY A 34 15.83 12.37 -3.57
N GLY A 35 15.10 11.38 -3.05
CA GLY A 35 13.74 11.63 -2.61
C GLY A 35 13.69 12.43 -1.30
N GLN A 36 12.58 13.09 -1.04
CA GLN A 36 12.40 13.84 0.20
C GLN A 36 11.94 12.93 1.33
N PRO A 37 12.40 13.18 2.55
CA PRO A 37 11.93 12.37 3.68
C PRO A 37 10.43 12.59 3.91
N ILE A 38 9.81 11.59 4.56
CA ILE A 38 8.39 11.69 4.89
C ILE A 38 8.13 12.88 5.80
N THR A 39 7.13 13.66 5.45
CA THR A 39 6.75 14.84 6.24
C THR A 39 5.38 14.60 6.91
N ASN A 40 4.75 15.65 7.49
CA ASN A 40 3.44 15.48 8.10
C ASN A 40 3.52 14.57 9.33
N CYS A 41 4.69 14.55 10.04
CA CYS A 41 4.82 13.84 11.29
C CYS A 41 4.11 14.70 12.39
N VAL A 42 3.98 14.10 13.60
CA VAL A 42 3.33 14.74 14.73
C VAL A 42 4.43 15.27 15.63
N LYS A 43 4.78 16.53 15.44
CA LYS A 43 5.85 17.18 16.20
C LYS A 43 5.18 17.91 17.35
N MET A 44 5.79 17.75 18.54
CA MET A 44 5.23 18.33 19.74
C MET A 44 5.88 19.64 20.20
N LEU A 45 5.08 20.47 20.86
CA LEU A 45 5.59 21.64 21.56
C LEU A 45 5.81 21.19 23.00
N CYS A 46 6.99 21.46 23.55
CA CYS A 46 7.29 20.99 24.90
C CYS A 46 8.25 22.00 25.58
N THR A 47 8.68 21.71 26.81
CA THR A 47 9.58 22.64 27.52
C THR A 47 11.05 22.32 27.34
N HIS A 48 11.40 21.24 26.62
CA HIS A 48 12.82 20.89 26.42
C HIS A 48 13.60 20.76 27.73
N THR A 49 12.90 20.34 28.78
CA THR A 49 13.52 20.05 30.10
C THR A 49 13.26 18.61 30.51
N GLY A 50 13.07 17.73 29.51
CA GLY A 50 12.79 16.31 29.76
C GLY A 50 13.98 15.44 30.06
N THR A 51 13.72 14.15 30.28
CA THR A 51 14.77 13.21 30.61
C THR A 51 15.71 12.90 29.47
N GLY A 52 15.25 13.08 28.24
CA GLY A 52 16.05 12.73 27.06
C GLY A 52 15.93 11.27 26.65
N GLN A 53 15.14 10.47 27.41
CA GLN A 53 14.96 9.06 27.04
C GLN A 53 14.30 8.94 25.68
N ALA A 54 14.64 7.88 24.95
CA ALA A 54 14.18 7.73 23.59
C ALA A 54 12.67 7.55 23.42
N ILE A 55 12.02 6.67 24.19
CA ILE A 55 10.62 6.30 24.03
C ILE A 55 9.91 6.45 25.35
N THR A 56 8.93 7.36 25.41
CA THR A 56 8.35 7.76 26.70
C THR A 56 6.84 7.95 26.67
N VAL A 57 6.22 8.04 27.87
CA VAL A 57 4.77 8.17 27.98
C VAL A 57 4.29 9.56 27.60
N THR A 58 5.05 10.57 27.98
CA THR A 58 4.78 11.96 27.66
C THR A 58 6.03 12.55 27.03
N PRO A 59 5.93 13.73 26.39
CA PRO A 59 7.14 14.30 25.75
C PRO A 59 8.28 14.52 26.74
N GLU A 60 9.47 14.05 26.38
CA GLU A 60 10.64 14.12 27.26
C GLU A 60 11.87 14.68 26.58
N ALA A 61 11.69 15.52 25.55
CA ALA A 61 12.85 16.11 24.86
C ALA A 61 13.70 16.91 25.79
N ASN A 62 15.00 16.71 25.70
CA ASN A 62 15.95 17.58 26.37
C ASN A 62 16.34 18.72 25.35
N MET A 63 17.35 19.59 25.66
CA MET A 63 17.67 20.69 24.74
C MET A 63 18.35 20.25 23.44
N ASP A 64 18.78 18.99 23.37
CA ASP A 64 19.39 18.47 22.15
C ASP A 64 18.36 17.74 21.29
N GLN A 65 17.05 17.71 21.66
CA GLN A 65 16.09 16.87 20.96
C GLN A 65 14.80 17.59 20.59
N GLU A 66 13.97 16.87 19.80
CA GLU A 66 12.58 17.24 19.58
C GLU A 66 11.73 16.02 19.99
N SER A 67 10.48 16.26 20.37
CA SER A 67 9.56 15.17 20.70
C SER A 67 8.56 15.03 19.59
N PHE A 68 8.27 13.79 19.21
CA PHE A 68 7.26 13.47 18.21
C PHE A 68 6.29 12.43 18.71
N GLY A 69 5.06 12.43 18.16
CA GLY A 69 4.14 11.31 18.38
C GLY A 69 4.76 10.05 17.75
N GLY A 70 4.76 8.93 18.48
CA GLY A 70 5.48 7.73 18.08
C GLY A 70 5.02 7.08 16.80
N ALA A 71 3.69 6.92 16.63
CA ALA A 71 3.20 6.31 15.37
C ALA A 71 3.66 7.07 14.16
N SER A 72 3.73 8.41 14.30
CA SER A 72 4.05 9.22 13.13
C SER A 72 5.52 9.11 12.68
N CYS A 73 6.35 8.49 13.52
CA CYS A 73 7.77 8.29 13.21
C CYS A 73 8.07 6.87 12.85
N CYS A 74 7.05 6.04 12.67
CA CYS A 74 7.24 4.64 12.38
C CYS A 74 6.85 4.38 10.94
N LEU A 75 7.81 3.93 10.13
CA LEU A 75 7.50 3.68 8.71
C LEU A 75 6.34 2.71 8.51
N TYR A 76 6.28 1.68 9.40
CA TYR A 76 5.24 0.66 9.26
C TYR A 76 3.87 1.20 9.59
N CYS A 77 3.80 2.10 10.58
CA CYS A 77 2.54 2.78 10.89
C CYS A 77 2.15 3.72 9.72
N ARG A 78 3.13 4.47 9.16
CA ARG A 78 2.84 5.47 8.11
C ARG A 78 2.35 4.84 6.81
N CYS A 79 2.87 3.62 6.52
CA CYS A 79 2.49 2.90 5.29
C CYS A 79 1.35 1.89 5.51
N HIS A 80 0.95 1.69 6.80
CA HIS A 80 -0.14 0.76 7.14
C HIS A 80 0.21 -0.64 6.71
N ILE A 81 1.47 -1.03 6.99
CA ILE A 81 1.99 -2.35 6.63
C ILE A 81 2.39 -3.15 7.88
N ASP A 82 2.75 -4.42 7.68
CA ASP A 82 3.18 -5.25 8.82
C ASP A 82 4.41 -4.73 9.49
N HIS A 83 4.44 -4.89 10.82
CA HIS A 83 5.64 -4.53 11.59
C HIS A 83 6.54 -5.75 11.60
N PRO A 84 7.86 -5.55 11.54
CA PRO A 84 8.76 -6.72 11.53
C PRO A 84 9.03 -7.33 12.90
N ASN A 85 8.16 -7.06 13.89
CA ASN A 85 8.22 -7.59 15.25
C ASN A 85 7.63 -9.02 15.26
N PRO A 86 7.97 -9.89 16.25
CA PRO A 86 7.43 -11.26 16.24
C PRO A 86 5.89 -11.30 16.24
N LYS A 87 5.23 -10.64 17.19
CA LYS A 87 3.76 -10.62 17.23
C LYS A 87 3.10 -9.51 16.36
N GLY A 88 3.92 -8.80 15.58
CA GLY A 88 3.45 -7.77 14.67
C GLY A 88 2.94 -6.50 15.31
N PHE A 89 3.34 -6.22 16.57
CA PHE A 89 2.90 -5.01 17.25
C PHE A 89 4.00 -3.93 17.22
N CYS A 90 3.61 -2.66 17.44
CA CYS A 90 4.54 -1.54 17.33
C CYS A 90 5.07 -1.07 18.69
N ASP A 91 6.35 -0.78 18.77
CA ASP A 91 6.94 -0.25 20.00
C ASP A 91 6.93 1.29 20.05
N LEU A 92 6.53 1.98 18.96
CA LEU A 92 6.50 3.45 18.98
C LEU A 92 5.06 3.98 19.11
N LYS A 93 4.09 3.34 18.46
CA LYS A 93 2.69 3.78 18.54
C LYS A 93 2.20 3.76 19.99
N GLY A 94 1.58 4.85 20.42
CA GLY A 94 1.10 5.01 21.79
C GLY A 94 2.14 5.60 22.73
N LYS A 95 3.36 5.93 22.21
CA LYS A 95 4.40 6.59 22.99
C LYS A 95 4.86 7.86 22.24
N TYR A 96 5.67 8.69 22.90
CA TYR A 96 6.39 9.79 22.28
C TYR A 96 7.79 9.36 22.05
N VAL A 97 8.38 9.80 20.93
CA VAL A 97 9.73 9.46 20.59
C VAL A 97 10.58 10.73 20.55
N GLN A 98 11.73 10.71 21.23
CA GLN A 98 12.64 11.84 21.24
C GLN A 98 13.67 11.64 20.15
N ILE A 99 13.86 12.66 19.31
CA ILE A 99 14.78 12.55 18.17
C ILE A 99 15.80 13.65 18.26
N PRO A 100 17.11 13.37 18.10
CA PRO A 100 18.11 14.45 18.11
C PRO A 100 17.75 15.56 17.13
N THR A 101 17.87 16.82 17.54
N THR A 101 17.84 16.84 17.56
CA THR A 101 17.50 17.96 16.67
CA THR A 101 17.44 17.97 16.70
C THR A 101 18.18 17.93 15.33
C THR A 101 18.19 18.00 15.36
N THR A 102 19.43 17.45 15.32
CA THR A 102 20.19 17.38 14.06
C THR A 102 19.59 16.38 13.05
N CYS A 103 18.78 15.44 13.54
CA CYS A 103 18.13 14.41 12.71
C CYS A 103 16.62 14.65 12.55
N ALA A 104 16.07 15.73 13.13
CA ALA A 104 14.63 15.94 13.16
C ALA A 104 13.98 16.27 11.83
N ASN A 105 14.77 16.45 10.77
CA ASN A 105 14.23 16.64 9.42
C ASN A 105 13.73 15.26 8.88
N ASP A 106 14.20 14.13 9.45
CA ASP A 106 13.76 12.82 8.95
C ASP A 106 13.54 11.86 10.13
N PRO A 107 12.49 12.10 10.93
CA PRO A 107 12.26 11.23 12.09
C PRO A 107 12.01 9.78 11.73
N VAL A 108 11.32 9.56 10.57
CA VAL A 108 11.06 8.15 10.18
C VAL A 108 12.37 7.43 9.88
N GLY A 109 13.25 8.09 9.12
CA GLY A 109 14.55 7.51 8.79
C GLY A 109 15.40 7.29 10.05
N PHE A 110 15.27 8.21 11.02
CA PHE A 110 16.05 8.08 12.24
C PHE A 110 15.67 6.82 13.00
N THR A 111 14.36 6.60 13.22
CA THR A 111 13.94 5.40 13.97
C THR A 111 14.25 4.12 13.23
N LEU A 112 14.26 4.15 11.89
CA LEU A 112 14.61 2.94 11.15
C LEU A 112 16.07 2.56 11.35
N LYS A 113 16.95 3.54 11.44
CA LYS A 113 18.40 3.26 11.47
C LYS A 113 19.01 3.14 12.85
N ASN A 114 18.27 3.52 13.89
CA ASN A 114 18.84 3.57 15.24
C ASN A 114 18.23 2.60 16.24
N THR A 115 18.94 2.38 17.36
CA THR A 115 18.56 1.42 18.37
C THR A 115 18.54 2.03 19.78
N VAL A 116 17.54 1.69 20.60
CA VAL A 116 17.43 2.17 21.98
C VAL A 116 18.19 1.23 22.89
N CYS A 117 18.99 1.78 23.79
CA CYS A 117 19.69 0.97 24.77
C CYS A 117 18.67 0.48 25.79
N THR A 118 18.64 -0.84 26.06
CA THR A 118 17.67 -1.37 27.03
C THR A 118 18.05 -1.06 28.48
N VAL A 119 19.31 -0.70 28.74
CA VAL A 119 19.78 -0.44 30.08
C VAL A 119 19.46 0.97 30.53
N CYS A 120 19.84 1.97 29.73
CA CYS A 120 19.63 3.36 30.11
C CYS A 120 18.43 4.04 29.43
N GLY A 121 17.82 3.38 28.46
CA GLY A 121 16.67 3.96 27.74
C GLY A 121 16.98 5.06 26.75
N MET A 122 18.25 5.35 26.48
CA MET A 122 18.61 6.39 25.53
C MET A 122 19.09 5.80 24.19
N TRP A 123 19.09 6.61 23.09
CA TRP A 123 19.51 6.07 21.78
C TRP A 123 21.01 5.78 21.79
N LYS A 124 21.42 4.65 21.18
CA LYS A 124 22.84 4.33 21.04
C LYS A 124 23.50 5.35 20.10
N GLY A 125 24.59 5.96 20.56
CA GLY A 125 25.30 6.98 19.80
C GLY A 125 24.73 8.38 19.90
N TYR A 126 23.56 8.52 20.56
CA TYR A 126 22.85 9.80 20.73
C TYR A 126 22.31 9.93 22.16
N GLY A 127 23.16 9.61 23.11
CA GLY A 127 22.80 9.76 24.52
C GLY A 127 23.10 8.59 25.43
N CYS A 128 23.24 7.37 24.88
CA CYS A 128 23.51 6.20 25.70
C CYS A 128 24.71 6.36 26.64
N SER A 129 24.48 6.17 27.94
CA SER A 129 25.49 6.32 28.98
C SER A 129 26.25 5.02 29.30
N CYS A 130 25.98 3.92 28.57
CA CYS A 130 26.61 2.63 28.85
C CYS A 130 28.02 2.47 28.24
N ASP A 131 28.18 2.72 26.94
CA ASP A 131 29.48 2.56 26.27
C ASP A 131 30.34 3.81 26.38
N ASN B 4 -3.81 21.40 1.16
CA ASN B 4 -3.65 20.35 0.15
C ASN B 4 -3.55 18.97 0.80
N VAL B 5 -4.49 18.09 0.46
CA VAL B 5 -4.51 16.74 1.01
C VAL B 5 -4.68 15.72 -0.15
N THR B 6 -4.45 14.43 0.14
CA THR B 6 -4.71 13.38 -0.83
C THR B 6 -5.74 12.40 -0.24
N GLY B 7 -6.37 11.60 -1.08
CA GLY B 7 -7.25 10.54 -0.62
C GLY B 7 -6.52 9.27 -0.21
N LEU B 8 -5.21 9.16 -0.54
CA LEU B 8 -4.43 7.97 -0.16
C LEU B 8 -4.36 7.91 1.36
N PHE B 9 -4.75 6.75 1.92
CA PHE B 9 -4.76 6.52 3.36
C PHE B 9 -5.82 7.38 4.08
N LYS B 10 -6.89 7.75 3.36
CA LYS B 10 -7.99 8.48 4.01
C LYS B 10 -8.59 7.59 5.11
N ASP B 11 -8.90 8.19 6.26
CA ASP B 11 -9.55 7.47 7.35
C ASP B 11 -11.04 7.40 7.05
N CYS B 12 -11.54 6.21 6.87
CA CYS B 12 -12.94 5.99 6.50
C CYS B 12 -13.83 5.66 7.67
N SER B 13 -13.34 5.75 8.91
CA SER B 13 -14.19 5.46 10.06
C SER B 13 -15.29 6.54 10.18
N LYS B 14 -16.28 6.28 11.03
CA LYS B 14 -17.32 7.26 11.32
C LYS B 14 -17.07 7.95 12.67
N VAL B 15 -15.85 7.83 13.25
CA VAL B 15 -15.50 8.49 14.50
C VAL B 15 -15.34 9.97 14.17
N ILE B 16 -16.05 10.85 14.91
CA ILE B 16 -16.04 12.29 14.67
C ILE B 16 -14.70 12.95 15.00
N THR B 17 -14.07 12.46 16.05
CA THR B 17 -12.81 13.01 16.50
C THR B 17 -11.58 12.35 15.85
N GLY B 18 -10.47 13.05 15.93
CA GLY B 18 -9.17 12.58 15.47
C GLY B 18 -8.48 11.76 16.54
N LEU B 19 -7.20 11.48 16.33
CA LEU B 19 -6.44 10.61 17.23
C LEU B 19 -5.61 11.37 18.25
N HIS B 20 -5.23 10.64 19.31
CA HIS B 20 -4.28 11.12 20.31
C HIS B 20 -2.91 11.35 19.61
N PRO B 21 -2.11 12.37 19.99
CA PRO B 21 -0.82 12.58 19.31
C PRO B 21 0.07 11.33 19.24
N THR B 22 0.03 10.43 20.25
CA THR B 22 0.91 9.25 20.18
C THR B 22 0.43 8.16 19.22
N GLN B 23 -0.83 8.23 18.80
CA GLN B 23 -1.48 7.18 17.98
C GLN B 23 -1.76 7.62 16.55
N ALA B 24 -1.85 8.92 16.32
CA ALA B 24 -2.11 9.44 14.98
C ALA B 24 -0.94 9.14 14.06
N PRO B 25 -1.17 8.59 12.86
CA PRO B 25 -0.03 8.39 11.95
C PRO B 25 0.54 9.73 11.45
N THR B 26 -0.28 10.81 11.42
CA THR B 26 0.12 12.08 10.84
C THR B 26 -0.41 13.27 11.61
N HIS B 27 0.20 14.45 11.36
CA HIS B 27 -0.30 15.67 11.98
C HIS B 27 -1.77 15.93 11.58
N LEU B 28 -2.12 15.73 10.30
CA LEU B 28 -3.53 15.92 9.89
C LEU B 28 -4.50 15.08 10.71
N SER B 29 -4.11 13.84 11.05
CA SER B 29 -4.98 12.91 11.73
C SER B 29 -5.11 13.16 13.25
N VAL B 30 -4.25 14.00 13.84
CA VAL B 30 -4.38 14.32 15.28
C VAL B 30 -5.69 15.09 15.50
N ASP B 31 -6.39 14.85 16.61
CA ASP B 31 -7.62 15.61 16.87
C ASP B 31 -7.31 17.08 17.07
N THR B 32 -8.25 17.93 16.63
N THR B 32 -8.23 17.97 16.61
CA THR B 32 -8.11 19.38 16.72
CA THR B 32 -8.08 19.43 16.73
C THR B 32 -7.79 19.86 18.15
C THR B 32 -7.78 19.88 18.16
N LYS B 33 -8.30 19.17 19.17
CA LYS B 33 -8.09 19.60 20.57
C LYS B 33 -6.61 19.71 20.95
N PHE B 34 -5.75 18.93 20.28
CA PHE B 34 -4.32 18.97 20.61
C PHE B 34 -3.51 19.97 19.78
N LYS B 35 -4.11 20.69 18.84
CA LYS B 35 -3.37 21.53 17.91
C LYS B 35 -3.29 22.95 18.36
N THR B 36 -2.09 23.48 18.43
CA THR B 36 -1.88 24.87 18.84
C THR B 36 -0.54 25.35 18.37
N GLU B 37 -0.42 26.66 18.08
CA GLU B 37 0.86 27.25 17.76
C GLU B 37 1.66 26.51 16.67
N GLY B 38 0.91 26.03 15.66
CA GLY B 38 1.49 25.38 14.49
C GLY B 38 1.83 23.91 14.65
N LEU B 39 1.80 23.42 15.90
CA LEU B 39 2.16 22.01 16.19
C LEU B 39 1.13 21.36 17.11
N CYS B 40 1.52 20.32 17.90
CA CYS B 40 0.60 19.60 18.78
C CYS B 40 1.15 19.66 20.19
N VAL B 41 0.25 19.54 21.16
CA VAL B 41 0.64 19.46 22.57
C VAL B 41 0.05 18.23 23.20
N ASP B 42 0.76 17.67 24.19
CA ASP B 42 0.23 16.60 24.99
C ASP B 42 -0.60 17.34 26.05
N ILE B 43 -1.78 16.81 26.33
CA ILE B 43 -2.65 17.41 27.34
C ILE B 43 -2.79 16.45 28.47
N PRO B 44 -2.25 16.79 29.66
CA PRO B 44 -2.43 15.90 30.82
C PRO B 44 -3.90 15.63 31.08
N GLY B 45 -4.22 14.37 31.33
CA GLY B 45 -5.59 13.97 31.62
C GLY B 45 -6.41 13.57 30.40
N ILE B 46 -5.86 13.74 29.16
CA ILE B 46 -6.61 13.34 27.95
C ILE B 46 -5.95 12.07 27.47
N PRO B 47 -6.62 10.93 27.67
CA PRO B 47 -5.95 9.67 27.41
C PRO B 47 -5.92 9.23 25.95
N LYS B 48 -5.08 8.24 25.68
CA LYS B 48 -5.08 7.54 24.39
C LYS B 48 -6.37 6.71 24.33
N ASP B 49 -6.78 6.33 23.10
CA ASP B 49 -7.96 5.49 22.83
C ASP B 49 -7.45 4.08 22.62
N MET B 50 -7.84 3.15 23.52
CA MET B 50 -7.30 1.80 23.42
C MET B 50 -8.18 0.76 22.76
N THR B 51 -9.28 1.16 22.11
CA THR B 51 -10.15 0.17 21.44
C THR B 51 -10.58 0.48 19.99
N TYR B 52 -9.93 1.47 19.32
CA TYR B 52 -10.39 1.85 18.00
C TYR B 52 -10.03 0.88 16.89
N ARG B 53 -10.87 0.92 15.85
CA ARG B 53 -10.66 0.21 14.60
C ARG B 53 -11.02 1.20 13.49
N ARG B 54 -9.98 1.73 12.80
CA ARG B 54 -10.21 2.74 11.78
C ARG B 54 -9.79 2.25 10.40
N LEU B 55 -10.76 2.07 9.51
CA LEU B 55 -10.45 1.60 8.14
C LEU B 55 -9.71 2.68 7.38
N ILE B 56 -8.57 2.29 6.77
CA ILE B 56 -7.72 3.22 6.01
C ILE B 56 -7.83 2.88 4.52
N SER B 57 -8.15 3.87 3.71
CA SER B 57 -8.35 3.64 2.28
C SER B 57 -7.04 3.41 1.54
N MET B 58 -7.02 2.40 0.63
CA MET B 58 -5.86 2.14 -0.22
C MET B 58 -6.09 2.68 -1.63
N MET B 59 -7.00 3.67 -1.81
CA MET B 59 -7.26 4.26 -3.12
C MET B 59 -6.34 5.46 -3.28
N GLY B 60 -5.63 5.53 -4.39
CA GLY B 60 -4.79 6.69 -4.67
C GLY B 60 -3.30 6.49 -4.69
N PHE B 61 -2.87 5.24 -4.92
CA PHE B 61 -1.41 5.02 -5.00
C PHE B 61 -0.79 5.75 -6.18
N LYS B 62 0.45 6.17 -6.02
CA LYS B 62 1.17 6.91 -7.09
C LYS B 62 2.50 6.23 -7.29
N MET B 63 2.65 5.46 -8.38
CA MET B 63 3.90 4.69 -8.59
C MET B 63 4.86 5.42 -9.50
N ASN B 64 5.10 6.70 -9.22
CA ASN B 64 5.95 7.54 -10.10
C ASN B 64 7.31 7.82 -9.50
N TYR B 65 7.79 6.93 -8.67
CA TYR B 65 9.13 7.06 -8.12
C TYR B 65 10.15 6.71 -9.18
N GLN B 66 11.41 7.16 -8.95
CA GLN B 66 12.53 6.85 -9.83
C GLN B 66 13.65 6.54 -8.88
N VAL B 67 13.82 5.25 -8.57
CA VAL B 67 14.79 4.80 -7.58
C VAL B 67 15.73 3.85 -8.23
N ASN B 68 17.05 4.12 -8.09
CA ASN B 68 18.03 3.27 -8.74
C ASN B 68 17.88 1.78 -8.44
N GLY B 69 17.79 0.97 -9.50
CA GLY B 69 17.74 -0.47 -9.32
C GLY B 69 16.35 -1.06 -9.16
N TYR B 70 15.35 -0.19 -9.01
CA TYR B 70 13.95 -0.65 -8.95
C TYR B 70 13.32 -0.34 -10.34
N PRO B 71 12.74 -1.36 -10.96
CA PRO B 71 12.15 -1.13 -12.30
C PRO B 71 10.87 -0.28 -12.28
N ASN B 72 10.53 0.34 -13.41
CA ASN B 72 9.27 1.07 -13.54
C ASN B 72 8.16 0.00 -13.56
N MET B 73 7.04 0.21 -12.86
CA MET B 73 5.89 -0.72 -12.92
C MET B 73 5.11 -0.37 -14.20
N PHE B 74 4.80 0.91 -14.43
CA PHE B 74 4.07 1.31 -15.64
C PHE B 74 5.04 1.50 -16.77
N ILE B 75 4.74 0.89 -17.93
CA ILE B 75 5.68 0.94 -19.07
C ILE B 75 5.08 1.64 -20.28
N THR B 76 5.92 2.02 -21.26
CA THR B 76 5.43 2.68 -22.44
C THR B 76 4.73 1.72 -23.36
N ARG B 77 3.95 2.27 -24.30
CA ARG B 77 3.31 1.46 -25.33
C ARG B 77 4.36 0.66 -26.13
N GLU B 78 5.50 1.29 -26.46
CA GLU B 78 6.55 0.60 -27.21
C GLU B 78 7.13 -0.59 -26.44
N GLU B 79 7.41 -0.42 -25.14
CA GLU B 79 7.92 -1.53 -24.33
C GLU B 79 6.84 -2.62 -24.23
N ALA B 80 5.56 -2.21 -24.01
CA ALA B 80 4.47 -3.21 -23.90
C ALA B 80 4.36 -4.02 -25.17
N ILE B 81 4.49 -3.37 -26.34
CA ILE B 81 4.37 -4.10 -27.61
C ILE B 81 5.44 -5.18 -27.72
N ARG B 82 6.70 -4.87 -27.34
CA ARG B 82 7.77 -5.88 -27.39
C ARG B 82 7.43 -7.09 -26.50
N HIS B 83 6.64 -6.86 -25.45
CA HIS B 83 6.29 -7.92 -24.48
C HIS B 83 4.84 -8.33 -24.60
N VAL B 84 4.30 -8.34 -25.82
CA VAL B 84 2.90 -8.75 -26.01
C VAL B 84 2.62 -10.18 -25.47
N ARG B 85 3.64 -11.07 -25.53
CA ARG B 85 3.41 -12.44 -24.99
C ARG B 85 3.18 -12.46 -23.47
N ALA B 86 3.59 -11.40 -22.78
CA ALA B 86 3.41 -11.28 -21.33
C ALA B 86 2.06 -10.65 -20.98
N TRP B 87 1.25 -10.21 -21.98
CA TRP B 87 0.00 -9.48 -21.68
C TRP B 87 -1.08 -10.29 -21.04
N ILE B 88 -1.56 -9.80 -19.89
CA ILE B 88 -2.68 -10.40 -19.18
C ILE B 88 -3.63 -9.24 -18.89
N GLY B 89 -4.81 -9.23 -19.50
CA GLY B 89 -5.82 -8.23 -19.17
C GLY B 89 -6.27 -8.43 -17.72
N PHE B 90 -6.53 -7.35 -17.00
CA PHE B 90 -6.93 -7.44 -15.60
C PHE B 90 -7.96 -6.39 -15.29
N ASP B 91 -9.04 -6.82 -14.62
CA ASP B 91 -10.08 -5.93 -14.18
C ASP B 91 -10.58 -6.38 -12.81
N VAL B 92 -10.99 -5.41 -11.97
CA VAL B 92 -11.52 -5.76 -10.64
C VAL B 92 -12.87 -5.06 -10.41
N GLU B 93 -13.85 -5.82 -9.97
CA GLU B 93 -15.12 -5.23 -9.54
C GLU B 93 -15.08 -5.17 -8.02
N GLY B 94 -15.42 -4.03 -7.44
CA GLY B 94 -15.33 -3.85 -6.00
C GLY B 94 -16.66 -3.82 -5.30
N CYS B 95 -16.57 -3.87 -3.98
CA CYS B 95 -17.69 -3.65 -3.09
C CYS B 95 -17.35 -2.44 -2.21
N HIS B 96 -18.34 -1.86 -1.57
CA HIS B 96 -18.18 -0.64 -0.80
C HIS B 96 -18.10 -0.90 0.67
N ALA B 97 -17.24 -0.17 1.36
CA ALA B 97 -17.24 -0.26 2.83
C ALA B 97 -18.58 0.25 3.37
N THR B 98 -19.07 -0.40 4.42
CA THR B 98 -20.34 0.01 5.03
C THR B 98 -20.29 -0.16 6.53
N ARG B 99 -21.30 0.36 7.24
CA ARG B 99 -21.45 0.15 8.70
C ARG B 99 -20.36 0.88 9.52
N GLU B 100 -19.34 0.15 9.97
CA GLU B 100 -18.29 0.76 10.78
C GLU B 100 -17.37 1.71 9.99
N ALA B 101 -17.53 1.75 8.67
CA ALA B 101 -16.71 2.59 7.80
C ALA B 101 -17.47 2.94 6.52
N VAL B 102 -17.11 4.04 5.89
CA VAL B 102 -17.66 4.46 4.61
C VAL B 102 -16.63 5.34 3.87
N GLY B 103 -16.54 5.15 2.56
CA GLY B 103 -15.68 5.97 1.71
C GLY B 103 -14.58 5.27 0.94
N THR B 104 -14.62 3.93 0.85
CA THR B 104 -13.57 3.22 0.10
C THR B 104 -14.14 1.95 -0.55
N ASN B 105 -13.43 1.45 -1.56
CA ASN B 105 -13.79 0.30 -2.37
C ASN B 105 -12.83 -0.84 -1.98
N LEU B 106 -13.35 -2.05 -1.81
CA LEU B 106 -12.60 -3.26 -1.49
C LEU B 106 -12.70 -4.21 -2.68
N PRO B 107 -11.62 -4.94 -3.04
CA PRO B 107 -11.71 -5.88 -4.18
C PRO B 107 -12.71 -7.00 -3.88
N LEU B 108 -13.55 -7.36 -4.84
CA LEU B 108 -14.51 -8.44 -4.67
C LEU B 108 -14.27 -9.48 -5.77
N GLN B 109 -14.36 -9.10 -7.06
CA GLN B 109 -14.17 -10.07 -8.15
C GLN B 109 -13.00 -9.62 -9.00
N LEU B 110 -11.97 -10.45 -9.02
CA LEU B 110 -10.76 -10.22 -9.77
C LEU B 110 -10.79 -11.04 -11.04
N GLY B 111 -10.79 -10.36 -12.17
CA GLY B 111 -10.92 -11.01 -13.48
C GLY B 111 -9.70 -10.85 -14.36
N PHE B 112 -9.42 -11.90 -15.13
CA PHE B 112 -8.23 -11.92 -15.97
C PHE B 112 -8.58 -12.35 -17.38
N SER B 113 -7.74 -11.97 -18.36
CA SER B 113 -8.01 -12.33 -19.77
C SER B 113 -7.89 -13.82 -20.05
N THR B 114 -7.41 -14.59 -19.07
CA THR B 114 -7.41 -16.05 -19.18
C THR B 114 -8.83 -16.62 -18.98
N GLY B 115 -9.82 -15.79 -18.62
CA GLY B 115 -11.17 -16.21 -18.33
C GLY B 115 -11.42 -16.54 -16.87
N VAL B 116 -10.37 -16.43 -16.02
CA VAL B 116 -10.50 -16.73 -14.61
C VAL B 116 -11.08 -15.54 -13.87
N ASN B 117 -12.06 -15.82 -13.00
CA ASN B 117 -12.58 -14.89 -12.00
C ASN B 117 -12.31 -15.49 -10.64
N LEU B 118 -11.72 -14.70 -9.74
CA LEU B 118 -11.51 -15.11 -8.36
C LEU B 118 -12.29 -14.17 -7.47
N VAL B 119 -12.95 -14.70 -6.46
CA VAL B 119 -13.76 -13.87 -5.57
C VAL B 119 -13.13 -13.80 -4.18
N ALA B 120 -12.87 -12.58 -3.67
CA ALA B 120 -12.27 -12.43 -2.38
C ALA B 120 -13.27 -12.05 -1.32
N VAL B 121 -12.99 -12.46 -0.06
CA VAL B 121 -13.76 -11.94 1.07
C VAL B 121 -13.48 -10.41 1.13
N PRO B 122 -14.47 -9.55 1.36
CA PRO B 122 -14.21 -8.09 1.45
C PRO B 122 -13.23 -7.82 2.62
N THR B 123 -12.01 -7.36 2.30
CA THR B 123 -10.95 -7.21 3.30
C THR B 123 -10.29 -5.84 3.17
N GLY B 124 -9.99 -5.26 4.32
CA GLY B 124 -9.38 -3.93 4.33
C GLY B 124 -8.29 -3.79 5.35
N TYR B 125 -7.71 -2.61 5.38
CA TYR B 125 -6.58 -2.32 6.26
C TYR B 125 -7.08 -1.45 7.41
N VAL B 126 -7.17 -2.06 8.59
CA VAL B 126 -7.80 -1.38 9.73
C VAL B 126 -6.76 -1.00 10.76
N ASP B 127 -6.54 0.29 10.96
CA ASP B 127 -5.60 0.74 11.97
C ASP B 127 -6.19 0.52 13.36
N THR B 128 -5.33 0.05 14.26
CA THR B 128 -5.74 -0.19 15.64
C THR B 128 -4.72 0.48 16.55
N PRO B 129 -4.93 0.44 17.88
CA PRO B 129 -3.90 1.03 18.76
C PRO B 129 -2.51 0.35 18.68
N ASN B 130 -2.43 -0.88 18.11
CA ASN B 130 -1.18 -1.64 18.11
C ASN B 130 -0.52 -1.86 16.77
N ASN B 131 -1.30 -1.78 15.68
CA ASN B 131 -0.78 -2.14 14.37
C ASN B 131 -1.83 -1.83 13.31
N THR B 132 -1.61 -2.32 12.09
CA THR B 132 -2.66 -2.28 11.07
C THR B 132 -3.10 -3.74 10.92
N ASP B 133 -4.41 -3.97 11.09
CA ASP B 133 -5.00 -5.30 11.02
C ASP B 133 -5.61 -5.51 9.62
N PHE B 134 -5.02 -6.41 8.85
CA PHE B 134 -5.55 -6.72 7.52
C PHE B 134 -6.67 -7.73 7.78
N SER B 135 -7.92 -7.30 7.63
CA SER B 135 -9.04 -8.10 8.09
C SER B 135 -10.32 -7.94 7.30
N ARG B 136 -11.25 -8.90 7.47
CA ARG B 136 -12.55 -8.80 6.86
C ARG B 136 -13.28 -7.58 7.42
N VAL B 137 -13.96 -6.84 6.55
CA VAL B 137 -14.70 -5.65 6.87
C VAL B 137 -16.11 -5.73 6.31
N SER B 138 -17.04 -5.01 6.95
CA SER B 138 -18.41 -4.95 6.44
C SER B 138 -18.44 -4.28 5.06
N ALA B 139 -19.17 -4.90 4.13
CA ALA B 139 -19.23 -4.34 2.79
C ALA B 139 -20.53 -4.67 2.10
N LYS B 140 -20.85 -3.91 1.06
CA LYS B 140 -22.02 -4.25 0.23
C LYS B 140 -21.69 -3.90 -1.22
N PRO B 141 -22.30 -4.62 -2.18
CA PRO B 141 -22.11 -4.25 -3.58
C PRO B 141 -22.68 -2.86 -3.84
N PRO B 142 -22.19 -2.12 -4.85
CA PRO B 142 -22.82 -0.82 -5.14
C PRO B 142 -24.26 -1.03 -5.62
N PRO B 143 -25.17 -0.10 -5.30
CA PRO B 143 -26.57 -0.25 -5.74
C PRO B 143 -26.75 0.06 -7.23
N GLY B 144 -27.71 -0.60 -7.87
CA GLY B 144 -27.96 -0.41 -9.30
C GLY B 144 -28.04 -1.75 -10.01
N ASP B 145 -28.91 -1.84 -11.03
CA ASP B 145 -29.12 -3.09 -11.78
C ASP B 145 -27.86 -3.61 -12.46
N GLN B 146 -26.95 -2.71 -12.83
CA GLN B 146 -25.70 -3.11 -13.46
C GLN B 146 -24.75 -3.85 -12.51
N PHE B 147 -24.96 -3.71 -11.18
CA PHE B 147 -24.14 -4.34 -10.13
C PHE B 147 -24.85 -5.47 -9.37
N LYS B 148 -26.08 -5.86 -9.80
CA LYS B 148 -26.85 -6.92 -9.16
C LYS B 148 -26.13 -8.27 -9.15
N HIS B 149 -25.35 -8.55 -10.20
CA HIS B 149 -24.63 -9.82 -10.29
C HIS B 149 -23.60 -10.02 -9.17
N LEU B 150 -23.18 -8.94 -8.51
CA LEU B 150 -22.20 -9.02 -7.41
C LEU B 150 -22.83 -9.48 -6.07
N ILE B 151 -24.19 -9.39 -5.96
CA ILE B 151 -24.84 -9.78 -4.71
C ILE B 151 -24.47 -11.20 -4.20
N PRO B 152 -24.58 -12.28 -5.00
CA PRO B 152 -24.21 -13.61 -4.49
C PRO B 152 -22.72 -13.76 -4.16
N LEU B 153 -21.87 -12.95 -4.80
CA LEU B 153 -20.43 -13.00 -4.56
C LEU B 153 -20.03 -12.55 -3.16
N MET B 154 -20.86 -11.74 -2.50
CA MET B 154 -20.55 -11.30 -1.12
C MET B 154 -20.40 -12.44 -0.14
N TYR B 155 -20.96 -13.63 -0.43
CA TYR B 155 -20.84 -14.75 0.50
C TYR B 155 -20.09 -15.97 -0.09
N LYS B 156 -19.44 -15.79 -1.25
CA LYS B 156 -18.67 -16.86 -1.90
C LYS B 156 -17.16 -16.55 -2.00
N GLY B 157 -16.69 -15.56 -1.25
CA GLY B 157 -15.30 -15.15 -1.32
C GLY B 157 -14.35 -16.08 -0.60
N LEU B 158 -13.10 -16.06 -1.03
CA LEU B 158 -12.04 -16.82 -0.40
C LEU B 158 -11.14 -15.84 0.39
N PRO B 159 -10.47 -16.28 1.46
CA PRO B 159 -9.57 -15.38 2.18
C PRO B 159 -8.41 -14.97 1.25
N TRP B 160 -7.90 -13.73 1.44
CA TRP B 160 -6.85 -13.25 0.56
C TRP B 160 -5.58 -14.09 0.54
N ASN B 161 -5.25 -14.80 1.67
CA ASN B 161 -4.06 -15.64 1.62
C ASN B 161 -4.26 -16.78 0.59
N VAL B 162 -5.52 -17.19 0.33
CA VAL B 162 -5.79 -18.21 -0.67
C VAL B 162 -5.85 -17.59 -2.07
N VAL B 163 -6.51 -16.40 -2.19
CA VAL B 163 -6.64 -15.77 -3.51
C VAL B 163 -5.28 -15.45 -4.11
N ARG B 164 -4.35 -14.88 -3.31
CA ARG B 164 -3.06 -14.51 -3.89
C ARG B 164 -2.25 -15.74 -4.35
N ILE B 165 -2.32 -16.88 -3.63
CA ILE B 165 -1.68 -18.10 -4.13
C ILE B 165 -2.30 -18.51 -5.48
N LYS B 166 -3.63 -18.40 -5.59
CA LYS B 166 -4.28 -18.80 -6.85
C LYS B 166 -3.89 -17.87 -8.03
N ILE B 167 -3.70 -16.56 -7.73
CA ILE B 167 -3.27 -15.63 -8.79
C ILE B 167 -1.88 -16.00 -9.28
N VAL B 168 -0.96 -16.27 -8.33
CA VAL B 168 0.41 -16.62 -8.73
C VAL B 168 0.41 -17.92 -9.55
N GLN B 169 -0.40 -18.90 -9.11
CA GLN B 169 -0.44 -20.18 -9.84
C GLN B 169 -0.99 -20.01 -11.26
N MET B 170 -2.05 -19.21 -11.40
CA MET B 170 -2.65 -19.00 -12.71
C MET B 170 -1.66 -18.27 -13.63
N LEU B 171 -1.03 -17.19 -13.12
CA LEU B 171 -0.08 -16.45 -13.95
C LEU B 171 1.10 -17.34 -14.36
N SER B 172 1.61 -18.16 -13.41
CA SER B 172 2.74 -19.02 -13.67
C SER B 172 2.39 -20.06 -14.75
N ASP B 173 1.22 -20.68 -14.63
CA ASP B 173 0.79 -21.70 -15.61
C ASP B 173 0.61 -21.09 -16.97
N THR B 174 0.05 -19.88 -17.03
CA THR B 174 -0.19 -19.21 -18.32
C THR B 174 1.11 -18.71 -18.98
N LEU B 175 2.03 -18.13 -18.21
CA LEU B 175 3.17 -17.42 -18.76
C LEU B 175 4.52 -18.11 -18.80
N LYS B 176 4.68 -19.26 -18.08
CA LYS B 176 6.01 -19.83 -17.94
C LYS B 176 6.67 -20.17 -19.27
N ASN B 177 5.90 -20.53 -20.28
CA ASN B 177 6.50 -20.80 -21.61
C ASN B 177 6.33 -19.65 -22.62
N LEU B 178 5.82 -18.50 -22.16
CA LEU B 178 5.59 -17.35 -23.03
C LEU B 178 6.50 -16.17 -22.74
N SER B 179 6.82 -15.90 -21.44
CA SER B 179 7.58 -14.69 -21.12
C SER B 179 8.30 -14.81 -19.78
N ASP B 180 9.30 -13.94 -19.56
CA ASP B 180 9.98 -13.84 -18.29
C ASP B 180 9.30 -12.82 -17.37
N ARG B 181 8.13 -12.29 -17.75
CA ARG B 181 7.46 -11.27 -16.94
C ARG B 181 5.98 -11.36 -17.14
N VAL B 182 5.23 -10.44 -16.47
CA VAL B 182 3.83 -10.22 -16.75
C VAL B 182 3.66 -8.75 -17.03
N VAL B 183 2.77 -8.43 -18.01
CA VAL B 183 2.38 -7.05 -18.23
C VAL B 183 0.85 -7.05 -18.04
N PHE B 184 0.36 -6.46 -16.95
CA PHE B 184 -1.10 -6.34 -16.77
C PHE B 184 -1.61 -5.25 -17.69
N VAL B 185 -2.59 -5.59 -18.52
CA VAL B 185 -3.17 -4.62 -19.45
C VAL B 185 -4.46 -4.11 -18.81
N LEU B 186 -4.51 -2.81 -18.53
CA LEU B 186 -5.58 -2.24 -17.74
C LEU B 186 -6.37 -1.18 -18.52
N TRP B 187 -7.56 -0.84 -18.01
CA TRP B 187 -8.36 0.26 -18.55
C TRP B 187 -8.82 1.06 -17.30
N ALA B 188 -8.35 2.30 -17.08
CA ALA B 188 -8.66 3.14 -15.89
C ALA B 188 -8.10 2.44 -14.68
N HIS B 189 -6.77 2.51 -14.52
CA HIS B 189 -6.00 1.67 -13.58
C HIS B 189 -6.12 1.89 -12.08
N GLY B 190 -6.71 2.97 -11.59
CA GLY B 190 -6.70 3.27 -10.17
C GLY B 190 -7.09 2.11 -9.24
N PHE B 191 -8.27 1.51 -9.48
CA PHE B 191 -8.73 0.43 -8.60
C PHE B 191 -7.97 -0.88 -8.84
N GLU B 192 -7.43 -1.08 -10.08
CA GLU B 192 -6.62 -2.27 -10.32
C GLU B 192 -5.32 -2.12 -9.52
N LEU B 193 -4.74 -0.91 -9.48
CA LEU B 193 -3.51 -0.69 -8.70
C LEU B 193 -3.80 -0.83 -7.19
N THR B 194 -4.97 -0.34 -6.68
CA THR B 194 -5.34 -0.57 -5.29
C THR B 194 -5.46 -2.09 -5.01
N SER B 195 -6.04 -2.85 -5.98
CA SER B 195 -6.18 -4.29 -5.77
C SER B 195 -4.82 -5.00 -5.78
N MET B 196 -3.86 -4.47 -6.58
CA MET B 196 -2.52 -5.08 -6.59
C MET B 196 -1.83 -5.00 -5.24
N LYS B 197 -2.19 -4.01 -4.39
CA LYS B 197 -1.60 -3.92 -3.04
C LYS B 197 -1.81 -5.26 -2.29
N TYR B 198 -2.92 -5.97 -2.61
CA TYR B 198 -3.25 -7.19 -1.91
C TYR B 198 -2.47 -8.40 -2.40
N PHE B 199 -1.76 -8.31 -3.54
CA PHE B 199 -1.05 -9.50 -4.06
C PHE B 199 0.25 -9.25 -4.81
N VAL B 200 0.77 -8.01 -4.78
CA VAL B 200 2.01 -7.65 -5.47
C VAL B 200 3.01 -7.11 -4.50
N LYS B 201 4.28 -7.48 -4.68
CA LYS B 201 5.39 -6.87 -3.97
C LYS B 201 6.42 -6.38 -5.00
N ILE B 202 7.20 -5.37 -4.63
CA ILE B 202 8.22 -4.81 -5.52
C ILE B 202 9.58 -4.73 -4.81
N GLY B 203 10.61 -4.55 -5.63
CA GLY B 203 11.96 -4.35 -5.14
C GLY B 203 12.91 -4.33 -6.30
N PRO B 204 14.20 -4.44 -6.00
CA PRO B 204 15.19 -4.51 -7.08
C PRO B 204 14.97 -5.78 -7.93
N GLU B 205 15.43 -5.76 -9.21
CA GLU B 205 15.38 -6.96 -10.03
C GLU B 205 16.18 -8.09 -9.37
N ARG B 206 15.60 -9.27 -9.26
N ARG B 206 15.60 -9.27 -9.25
CA ARG B 206 16.22 -10.43 -8.62
CA ARG B 206 16.22 -10.43 -8.62
C ARG B 206 16.21 -11.61 -9.59
C ARG B 206 16.21 -11.62 -9.58
N THR B 207 16.92 -12.70 -9.24
CA THR B 207 16.88 -13.91 -10.03
C THR B 207 16.18 -14.97 -9.17
N CYS B 208 15.63 -15.96 -9.82
CA CYS B 208 14.98 -17.09 -9.20
C CYS B 208 15.91 -17.85 -8.19
N CYS B 209 15.32 -18.62 -7.25
CA CYS B 209 16.05 -19.43 -6.26
C CYS B 209 16.49 -20.80 -6.80
N LEU B 210 16.25 -21.07 -8.09
CA LEU B 210 16.57 -22.35 -8.72
C LEU B 210 17.12 -22.22 -10.15
N CYS B 211 17.29 -20.98 -10.67
CA CYS B 211 17.81 -20.75 -12.01
C CYS B 211 18.25 -19.30 -12.25
N ASP B 212 18.75 -19.00 -13.46
CA ASP B 212 19.20 -17.67 -13.81
C ASP B 212 18.09 -16.76 -14.34
N ARG B 213 16.84 -17.24 -14.40
CA ARG B 213 15.74 -16.43 -14.91
C ARG B 213 15.39 -15.35 -13.90
N ARG B 214 14.87 -14.23 -14.36
CA ARG B 214 14.44 -13.17 -13.44
C ARG B 214 13.27 -13.67 -12.57
N ALA B 215 13.23 -13.16 -11.37
CA ALA B 215 12.17 -13.50 -10.42
C ALA B 215 10.89 -12.71 -10.79
N THR B 216 9.79 -13.47 -10.79
CA THR B 216 8.44 -13.00 -11.07
C THR B 216 7.50 -13.20 -9.86
N CYS B 217 7.97 -13.92 -8.82
CA CYS B 217 7.16 -14.31 -7.67
C CYS B 217 7.99 -14.19 -6.41
N PHE B 218 7.31 -13.98 -5.29
CA PHE B 218 7.95 -13.91 -4.00
C PHE B 218 7.15 -14.75 -3.00
N SER B 219 7.87 -15.42 -2.05
CA SER B 219 7.22 -16.21 -1.00
C SER B 219 7.45 -15.60 0.37
N THR B 220 6.37 -15.25 1.08
CA THR B 220 6.51 -14.77 2.46
C THR B 220 6.86 -15.95 3.40
N ALA B 221 6.75 -17.21 2.95
CA ALA B 221 7.08 -18.36 3.83
C ALA B 221 8.58 -18.49 4.05
N SER B 222 9.37 -18.17 3.03
CA SER B 222 10.81 -18.32 3.12
C SER B 222 11.60 -17.06 2.77
N ASP B 223 10.91 -15.96 2.38
CA ASP B 223 11.55 -14.74 1.89
C ASP B 223 12.46 -15.07 0.69
N THR B 224 11.94 -15.87 -0.24
CA THR B 224 12.66 -16.27 -1.44
C THR B 224 11.91 -15.82 -2.69
N TYR B 225 12.64 -15.85 -3.83
CA TYR B 225 12.19 -15.37 -5.14
C TYR B 225 12.18 -16.49 -6.12
N ALA B 226 11.20 -16.51 -7.04
CA ALA B 226 11.13 -17.54 -8.07
C ALA B 226 10.65 -16.98 -9.38
N CYS B 227 11.04 -17.65 -10.47
CA CYS B 227 10.54 -17.37 -11.80
C CYS B 227 9.15 -18.12 -11.94
N TRP B 228 8.51 -18.01 -13.12
CA TRP B 228 7.21 -18.68 -13.33
C TRP B 228 7.30 -20.23 -13.27
N HIS B 229 8.48 -20.80 -13.60
CA HIS B 229 8.62 -22.26 -13.57
C HIS B 229 8.78 -22.81 -12.15
N HIS B 230 9.35 -22.00 -11.21
CA HIS B 230 9.68 -22.52 -9.88
C HIS B 230 8.86 -21.92 -8.74
N SER B 231 7.69 -21.38 -9.07
CA SER B 231 6.91 -20.65 -8.08
C SER B 231 5.83 -21.42 -7.36
N ILE B 232 5.84 -22.78 -7.41
CA ILE B 232 4.76 -23.51 -6.75
C ILE B 232 4.69 -23.17 -5.24
N GLY B 233 3.49 -22.81 -4.79
CA GLY B 233 3.23 -22.40 -3.40
C GLY B 233 3.56 -20.95 -3.06
N PHE B 234 4.12 -20.19 -4.01
CA PHE B 234 4.47 -18.76 -3.78
C PHE B 234 3.18 -17.94 -3.70
N ASP B 235 3.21 -16.90 -2.84
CA ASP B 235 1.99 -16.13 -2.58
C ASP B 235 1.95 -14.74 -3.18
N TYR B 236 3.07 -14.15 -3.58
CA TYR B 236 3.03 -12.80 -4.18
C TYR B 236 3.59 -12.72 -5.61
N VAL B 237 2.98 -11.85 -6.42
CA VAL B 237 3.52 -11.49 -7.73
C VAL B 237 4.62 -10.44 -7.48
N TYR B 238 5.83 -10.61 -8.01
CA TYR B 238 6.96 -9.72 -7.72
C TYR B 238 7.35 -8.94 -8.98
N ASN B 239 7.49 -7.61 -8.86
CA ASN B 239 7.85 -6.78 -10.00
C ASN B 239 7.07 -7.05 -11.28
N PRO B 240 5.74 -7.02 -11.22
CA PRO B 240 4.97 -7.05 -12.46
C PRO B 240 5.09 -5.69 -13.20
N PHE B 241 4.71 -5.71 -14.48
CA PHE B 241 4.66 -4.47 -15.27
C PHE B 241 3.19 -4.25 -15.63
N MET B 242 2.86 -3.05 -16.10
CA MET B 242 1.48 -2.73 -16.43
C MET B 242 1.38 -1.54 -17.35
N ILE B 243 0.24 -1.44 -18.03
CA ILE B 243 -0.01 -0.32 -18.90
C ILE B 243 -1.50 -0.03 -18.89
N ASP B 244 -1.88 1.25 -18.88
CA ASP B 244 -3.29 1.64 -18.91
C ASP B 244 -3.62 2.07 -20.38
N VAL B 245 -4.36 1.24 -21.09
CA VAL B 245 -4.79 1.39 -22.48
C VAL B 245 -5.65 2.64 -22.63
N GLN B 246 -6.45 2.99 -21.61
CA GLN B 246 -7.29 4.19 -21.67
C GLN B 246 -6.46 5.46 -21.94
N GLN B 247 -5.20 5.48 -21.50
CA GLN B 247 -4.33 6.63 -21.72
C GLN B 247 -3.80 6.75 -23.17
N TRP B 248 -4.21 5.86 -24.08
CA TRP B 248 -3.74 5.91 -25.47
C TRP B 248 -4.59 6.77 -26.41
N GLY B 249 -5.49 7.60 -25.87
CA GLY B 249 -6.29 8.49 -26.70
C GLY B 249 -7.72 8.12 -26.99
N PHE B 250 -8.26 7.09 -26.31
CA PHE B 250 -9.66 6.69 -26.49
C PHE B 250 -10.58 7.68 -25.75
N THR B 251 -11.85 7.86 -26.19
CA THR B 251 -12.71 8.85 -25.52
C THR B 251 -13.86 8.26 -24.66
N GLY B 252 -14.58 7.29 -25.18
CA GLY B 252 -15.72 6.71 -24.44
C GLY B 252 -15.33 5.58 -23.50
N ASN B 253 -16.28 4.69 -23.22
CA ASN B 253 -16.04 3.58 -22.32
C ASN B 253 -15.24 2.42 -22.98
N LEU B 254 -14.87 1.40 -22.20
CA LEU B 254 -14.10 0.27 -22.72
C LEU B 254 -14.84 -0.46 -23.83
N GLN B 255 -16.11 -0.82 -23.57
CA GLN B 255 -16.87 -1.60 -24.54
C GLN B 255 -17.01 -0.93 -25.89
N SER B 256 -17.24 0.39 -25.91
CA SER B 256 -17.42 1.09 -27.19
C SER B 256 -16.14 1.07 -28.03
N ASN B 257 -14.96 1.21 -27.37
CA ASN B 257 -13.70 1.20 -28.11
C ASN B 257 -13.33 -0.21 -28.54
N HIS B 258 -13.56 -1.21 -27.66
CA HIS B 258 -13.32 -2.61 -28.00
C HIS B 258 -14.15 -3.02 -29.24
N ASP B 259 -15.43 -2.63 -29.27
CA ASP B 259 -16.35 -3.01 -30.35
C ASP B 259 -16.01 -2.39 -31.71
N LEU B 260 -15.16 -1.35 -31.75
CA LEU B 260 -14.74 -0.76 -33.02
C LEU B 260 -13.86 -1.74 -33.83
N TYR B 261 -13.13 -2.64 -33.16
CA TYR B 261 -12.25 -3.58 -33.84
C TYR B 261 -12.72 -5.02 -33.77
N CYS B 262 -13.57 -5.35 -32.78
CA CYS B 262 -13.91 -6.74 -32.51
C CYS B 262 -15.38 -6.96 -32.27
N GLN B 263 -15.88 -8.12 -32.72
CA GLN B 263 -17.28 -8.51 -32.55
C GLN B 263 -17.44 -9.89 -31.87
N VAL B 264 -16.35 -10.67 -31.72
CA VAL B 264 -16.44 -12.00 -31.12
C VAL B 264 -16.53 -11.98 -29.58
N HIS B 265 -16.28 -10.83 -28.94
CA HIS B 265 -16.36 -10.75 -27.47
C HIS B 265 -17.59 -9.96 -27.04
N GLY B 266 -18.69 -10.65 -26.78
CA GLY B 266 -19.91 -10.02 -26.30
C GLY B 266 -19.76 -9.66 -24.83
N ASN B 267 -20.39 -8.55 -24.41
CA ASN B 267 -20.29 -8.11 -23.02
C ASN B 267 -21.15 -8.95 -22.07
N ALA B 268 -20.52 -9.86 -21.32
CA ALA B 268 -21.26 -10.65 -20.34
C ALA B 268 -21.26 -10.06 -18.92
N HIS B 269 -20.85 -8.77 -18.78
CA HIS B 269 -20.83 -8.00 -17.53
C HIS B 269 -20.22 -8.73 -16.33
N VAL B 270 -18.92 -9.03 -16.40
CA VAL B 270 -18.19 -9.73 -15.34
C VAL B 270 -16.70 -9.30 -15.45
N ALA B 271 -15.95 -9.32 -14.35
CA ALA B 271 -14.55 -8.87 -14.36
C ALA B 271 -13.71 -9.52 -15.46
N SER B 272 -13.81 -10.85 -15.63
CA SER B 272 -13.01 -11.52 -16.68
C SER B 272 -13.36 -11.03 -18.06
N CYS B 273 -14.64 -10.72 -18.30
N CYS B 273 -14.63 -10.73 -18.30
CA CYS B 273 -15.04 -10.20 -19.62
CA CYS B 273 -15.07 -10.21 -19.60
C CYS B 273 -14.39 -8.85 -19.89
C CYS B 273 -14.46 -8.84 -19.89
N ASP B 274 -14.39 -7.96 -18.89
CA ASP B 274 -13.75 -6.64 -19.05
C ASP B 274 -12.22 -6.82 -19.27
N ALA B 275 -11.62 -7.75 -18.55
CA ALA B 275 -10.20 -8.05 -18.73
C ALA B 275 -9.91 -8.61 -20.14
N ILE B 276 -10.77 -9.53 -20.67
CA ILE B 276 -10.61 -10.06 -22.05
C ILE B 276 -10.77 -8.91 -23.07
N MET B 277 -11.77 -8.02 -22.89
CA MET B 277 -11.96 -6.89 -23.79
C MET B 277 -10.80 -5.91 -23.78
N THR B 278 -10.20 -5.68 -22.59
CA THR B 278 -9.10 -4.70 -22.52
C THR B 278 -7.88 -5.23 -23.27
N ARG B 279 -7.54 -6.52 -23.06
CA ARG B 279 -6.40 -7.09 -23.77
C ARG B 279 -6.68 -7.15 -25.27
N CYS B 280 -7.90 -7.54 -25.64
CA CYS B 280 -8.26 -7.65 -27.06
C CYS B 280 -8.19 -6.29 -27.75
N LEU B 281 -8.69 -5.24 -27.12
CA LEU B 281 -8.59 -3.89 -27.69
C LEU B 281 -7.11 -3.48 -27.88
N ALA B 282 -6.26 -3.73 -26.88
CA ALA B 282 -4.86 -3.39 -26.99
C ALA B 282 -4.20 -4.18 -28.14
N VAL B 283 -4.55 -5.46 -28.30
CA VAL B 283 -3.97 -6.27 -29.36
C VAL B 283 -4.39 -5.73 -30.73
N HIS B 284 -5.65 -5.36 -30.88
CA HIS B 284 -6.12 -4.84 -32.19
C HIS B 284 -5.48 -3.47 -32.48
N GLU B 285 -5.35 -2.62 -31.46
CA GLU B 285 -4.75 -1.31 -31.63
C GLU B 285 -3.28 -1.39 -32.02
N CYS B 286 -2.52 -2.35 -31.45
CA CYS B 286 -1.07 -2.42 -31.74
C CYS B 286 -0.65 -3.34 -32.85
N PHE B 287 -1.45 -4.34 -33.21
CA PHE B 287 -0.96 -5.37 -34.13
C PHE B 287 -1.76 -5.60 -35.39
N VAL B 288 -2.98 -5.09 -35.46
CA VAL B 288 -3.83 -5.31 -36.62
C VAL B 288 -3.81 -4.12 -37.61
N LYS B 289 -3.57 -4.43 -38.90
CA LYS B 289 -3.56 -3.49 -40.04
C LYS B 289 -2.54 -2.37 -39.96
#